data_8G4K
#
_entry.id   8G4K
#
_cell.length_a   47.983
_cell.length_b   57.175
_cell.length_c   78.798
_cell.angle_alpha   90
_cell.angle_beta   90
_cell.angle_gamma   90
#
_symmetry.space_group_name_H-M   'P 21 21 21'
#
loop_
_entity.id
_entity.type
_entity.pdbx_description
1 polymer 5HCS_TGFBR2_1
2 polymer 'TGF-beta receptor type-2'
3 non-polymer 'SULFATE ION'
4 water water
#
loop_
_entity_poly.entity_id
_entity_poly.type
_entity_poly.pdbx_seq_one_letter_code
_entity_poly.pdbx_strand_id
1 'polypeptide(L)'
;SGSGLKELLKELNKAIASGDTETVRRILEELLELLKEAFEKGDYDLAISIASMAVKAASYIGDTETLKELLEILKKIKEK
LKKEGDEAALKAVERNIKVVEKVA
;
A
2 'polypeptide(L)'
;MKFPQLCKFCDVRFSTCDNQKSCMSNCSITSICEKPQEVCVAVWRKNDENITLETVCHDPKLPYHDFILEDAASPKCIMK
EKKKPGETFFMCSCSSDECNDNIIFSEEYNT
;
B
#
# COMPACT_ATOMS: atom_id res chain seq x y z
N GLY A 4 -1.60 -11.97 9.61
CA GLY A 4 -1.94 -11.21 10.81
C GLY A 4 -2.13 -9.73 10.50
N LEU A 5 -1.20 -9.15 9.73
CA LEU A 5 -1.26 -7.72 9.47
C LEU A 5 -2.43 -7.32 8.57
N LYS A 6 -2.78 -8.18 7.59
CA LYS A 6 -3.96 -7.95 6.78
C LYS A 6 -5.22 -7.89 7.65
N GLU A 7 -5.33 -8.78 8.63
CA GLU A 7 -6.50 -8.80 9.50
C GLU A 7 -6.53 -7.57 10.40
N LEU A 8 -5.35 -7.14 10.88
CA LEU A 8 -5.29 -5.95 11.72
C LEU A 8 -5.75 -4.73 10.91
N LEU A 9 -5.30 -4.63 9.67
CA LEU A 9 -5.74 -3.52 8.82
C LEU A 9 -7.26 -3.53 8.61
N LYS A 10 -7.81 -4.72 8.34
CA LYS A 10 -9.25 -4.84 8.19
C LYS A 10 -9.97 -4.40 9.44
N GLU A 11 -9.50 -4.86 10.60
CA GLU A 11 -10.11 -4.47 11.87
C GLU A 11 -9.96 -2.98 12.16
N LEU A 12 -8.80 -2.41 11.82
CA LEU A 12 -8.52 -1.00 12.01
C LEU A 12 -9.56 -0.18 11.23
N ASN A 13 -9.73 -0.51 9.94
CA ASN A 13 -10.63 0.25 9.07
C ASN A 13 -12.08 0.10 9.52
N LYS A 14 -12.47 -1.10 9.98
CA LYS A 14 -13.82 -1.29 10.50
CA LYS A 14 -13.82 -1.27 10.49
C LYS A 14 -14.04 -0.39 11.71
N ALA A 15 -13.02 -0.30 12.57
CA ALA A 15 -13.14 0.52 13.75
C ALA A 15 -13.16 2.01 13.44
N ILE A 16 -12.29 2.46 12.54
CA ILE A 16 -12.33 3.85 12.09
C ILE A 16 -13.69 4.23 11.51
N ALA A 17 -14.22 3.34 10.68
CA ALA A 17 -15.48 3.63 9.99
C ALA A 17 -16.62 3.74 11.01
N SER A 18 -16.55 2.97 12.09
CA SER A 18 -17.64 2.91 13.04
C SER A 18 -17.50 3.80 14.27
N GLY A 19 -16.37 4.52 14.36
CA GLY A 19 -16.10 5.39 15.48
C GLY A 19 -15.61 4.66 16.74
N ASP A 20 -15.10 3.44 16.57
CA ASP A 20 -14.69 2.62 17.71
C ASP A 20 -13.26 2.96 18.14
N THR A 21 -13.13 4.10 18.83
CA THR A 21 -11.83 4.61 19.22
C THR A 21 -11.05 3.66 20.13
N GLU A 22 -11.75 2.90 20.99
CA GLU A 22 -11.08 1.97 21.87
C GLU A 22 -10.39 0.88 21.07
N THR A 23 -11.05 0.35 20.04
CA THR A 23 -10.43 -0.65 19.19
C THR A 23 -9.24 -0.06 18.47
N VAL A 24 -9.38 1.18 17.98
CA VAL A 24 -8.28 1.79 17.28
C VAL A 24 -7.04 1.89 18.20
N ARG A 25 -7.26 2.34 19.42
CA ARG A 25 -6.18 2.49 20.38
C ARG A 25 -5.51 1.15 20.67
N ARG A 26 -6.29 0.08 20.78
CA ARG A 26 -5.74 -1.25 21.01
C ARG A 26 -4.91 -1.72 19.82
N ILE A 27 -5.43 -1.51 18.61
CA ILE A 27 -4.71 -1.91 17.41
C ILE A 27 -3.42 -1.10 17.26
N LEU A 28 -3.46 0.19 17.59
CA LEU A 28 -2.29 1.03 17.52
C LEU A 28 -1.20 0.44 18.44
N GLU A 29 -1.56 0.07 19.68
CA GLU A 29 -0.60 -0.49 20.63
C GLU A 29 0.04 -1.74 20.01
N GLU A 30 -0.76 -2.63 19.42
CA GLU A 30 -0.26 -3.82 18.76
CA GLU A 30 -0.27 -3.82 18.75
C GLU A 30 0.68 -3.47 17.61
N LEU A 31 0.28 -2.52 16.75
CA LEU A 31 1.13 -2.14 15.65
C LEU A 31 2.49 -1.61 16.13
N LEU A 32 2.48 -0.81 17.19
CA LEU A 32 3.75 -0.26 17.67
C LEU A 32 4.69 -1.36 18.16
N GLU A 33 4.13 -2.41 18.76
CA GLU A 33 4.93 -3.54 19.19
C GLU A 33 5.50 -4.28 17.99
N LEU A 34 4.67 -4.52 16.97
CA LEU A 34 5.10 -5.17 15.74
C LEU A 34 6.17 -4.35 15.01
N LEU A 35 6.01 -3.03 15.04
CA LEU A 35 6.95 -2.13 14.41
C LEU A 35 8.32 -2.23 15.07
N LYS A 36 8.32 -2.18 16.39
CA LYS A 36 9.61 -2.27 17.13
C LYS A 36 10.34 -3.57 16.77
N GLU A 37 9.60 -4.66 16.69
CA GLU A 37 10.22 -5.94 16.37
C GLU A 37 10.78 -5.94 14.95
N ALA A 38 10.00 -5.40 13.99
CA ALA A 38 10.47 -5.40 12.62
C ALA A 38 11.72 -4.53 12.45
N PHE A 39 11.68 -3.36 13.07
CA PHE A 39 12.80 -2.44 13.04
C PHE A 39 14.05 -3.10 13.64
N GLU A 40 13.91 -3.67 14.84
CA GLU A 40 15.06 -4.24 15.53
C GLU A 40 15.64 -5.42 14.76
N LYS A 41 14.85 -6.16 13.94
CA LYS A 41 15.32 -7.22 13.07
C LYS A 41 15.89 -6.75 11.75
N GLY A 42 15.81 -5.44 11.50
CA GLY A 42 16.25 -4.89 10.22
C GLY A 42 15.34 -5.24 9.04
N ASP A 43 14.07 -5.57 9.33
CA ASP A 43 13.12 -5.85 8.27
C ASP A 43 12.37 -4.58 7.86
N TYR A 44 13.10 -3.76 7.13
CA TYR A 44 12.67 -2.40 6.95
C TYR A 44 11.42 -2.26 6.06
N ASP A 45 11.23 -3.17 5.10
CA ASP A 45 10.02 -3.11 4.29
C ASP A 45 8.81 -3.35 5.17
N LEU A 46 8.91 -4.35 6.06
CA LEU A 46 7.84 -4.63 7.00
C LEU A 46 7.62 -3.48 7.97
N ALA A 47 8.70 -2.90 8.47
CA ALA A 47 8.60 -1.77 9.37
C ALA A 47 7.86 -0.61 8.70
N ILE A 48 8.23 -0.29 7.45
CA ILE A 48 7.55 0.79 6.74
C ILE A 48 6.06 0.48 6.64
N SER A 49 5.73 -0.74 6.26
CA SER A 49 4.38 -1.19 6.11
C SER A 49 3.55 -1.02 7.37
N ILE A 50 4.09 -1.53 8.49
CA ILE A 50 3.44 -1.38 9.77
C ILE A 50 3.29 0.09 10.14
N ALA A 51 4.33 0.87 9.93
CA ALA A 51 4.31 2.29 10.24
C ALA A 51 3.19 3.01 9.45
N SER A 52 2.97 2.64 8.19
CA SER A 52 1.89 3.24 7.43
C SER A 52 0.55 3.09 8.16
N MET A 53 0.30 1.87 8.64
CA MET A 53 -0.91 1.59 9.37
C MET A 53 -0.98 2.31 10.69
N ALA A 54 0.15 2.32 11.42
CA ALA A 54 0.18 2.97 12.73
C ALA A 54 -0.08 4.48 12.59
N VAL A 55 0.50 5.08 11.55
CA VAL A 55 0.26 6.50 11.32
C VAL A 55 -1.25 6.78 11.14
N LYS A 56 -1.93 5.92 10.37
CA LYS A 56 -3.35 6.13 10.18
C LYS A 56 -4.11 6.01 11.50
N ALA A 57 -3.77 4.98 12.29
CA ALA A 57 -4.47 4.76 13.56
C ALA A 57 -4.20 5.92 14.55
N ALA A 58 -2.92 6.35 14.68
CA ALA A 58 -2.59 7.42 15.58
C ALA A 58 -3.20 8.73 15.16
N SER A 59 -3.31 8.97 13.84
CA SER A 59 -3.98 10.14 13.31
C SER A 59 -5.45 10.15 13.70
N TYR A 60 -6.12 9.01 13.54
CA TYR A 60 -7.55 8.94 13.83
C TYR A 60 -7.86 9.32 15.28
N ILE A 61 -7.05 8.81 16.22
CA ILE A 61 -7.29 9.11 17.64
C ILE A 61 -6.59 10.38 18.14
N GLY A 62 -5.92 11.11 17.26
CA GLY A 62 -5.28 12.37 17.62
C GLY A 62 -4.07 12.19 18.55
N ASP A 63 -3.33 11.09 18.42
CA ASP A 63 -2.24 10.78 19.35
C ASP A 63 -0.93 11.39 18.84
N THR A 64 -0.77 12.69 19.10
CA THR A 64 0.38 13.43 18.63
C THR A 64 1.71 12.84 19.13
N GLU A 65 1.76 12.42 20.41
CA GLU A 65 3.01 11.86 20.93
C GLU A 65 3.45 10.61 20.15
N THR A 66 2.50 9.71 19.86
CA THR A 66 2.82 8.54 19.05
C THR A 66 3.24 8.94 17.64
N LEU A 67 2.56 9.93 17.03
CA LEU A 67 2.94 10.37 15.71
C LEU A 67 4.37 10.87 15.71
N LYS A 68 4.77 11.58 16.77
CA LYS A 68 6.16 12.01 16.85
C LYS A 68 7.16 10.85 16.99
N GLU A 69 6.78 9.82 17.75
CA GLU A 69 7.59 8.61 17.86
CA GLU A 69 7.61 8.62 17.85
C GLU A 69 7.71 7.91 16.51
N LEU A 70 6.60 7.85 15.76
CA LEU A 70 6.63 7.24 14.45
C LEU A 70 7.52 8.05 13.51
N LEU A 71 7.46 9.39 13.57
CA LEU A 71 8.32 10.19 12.72
C LEU A 71 9.78 9.86 13.02
N GLU A 72 10.12 9.76 14.32
CA GLU A 72 11.49 9.46 14.72
C GLU A 72 11.96 8.12 14.15
N ILE A 73 11.12 7.06 14.28
CA ILE A 73 11.56 5.77 13.78
CA ILE A 73 11.49 5.74 13.77
C ILE A 73 11.65 5.78 12.26
N LEU A 74 10.71 6.47 11.57
CA LEU A 74 10.80 6.59 10.11
C LEU A 74 12.09 7.29 9.68
N LYS A 75 12.51 8.34 10.40
CA LYS A 75 13.75 9.01 10.06
C LYS A 75 14.96 8.08 10.23
N LYS A 76 14.94 7.23 11.25
CA LYS A 76 16.00 6.24 11.41
C LYS A 76 16.04 5.24 10.24
N ILE A 77 14.84 4.78 9.84
CA ILE A 77 14.76 3.89 8.70
C ILE A 77 15.33 4.57 7.45
N LYS A 78 14.96 5.84 7.23
CA LYS A 78 15.49 6.56 6.08
C LYS A 78 17.02 6.61 6.10
N GLU A 79 17.58 6.93 7.28
CA GLU A 79 19.03 6.99 7.41
C GLU A 79 19.68 5.68 6.95
N LYS A 80 19.11 4.55 7.35
CA LYS A 80 19.62 3.25 6.91
C LYS A 80 19.44 3.01 5.41
N LEU A 81 18.24 3.31 4.87
CA LEU A 81 17.93 3.00 3.49
C LEU A 81 18.62 3.93 2.48
N LYS A 82 19.04 5.12 2.93
CA LYS A 82 19.78 6.04 2.08
C LYS A 82 21.04 5.33 1.59
N LYS A 83 21.58 4.42 2.42
CA LYS A 83 22.80 3.69 2.14
C LYS A 83 22.61 2.40 1.33
N GLU A 84 21.36 1.99 1.06
CA GLU A 84 21.07 0.61 0.67
C GLU A 84 20.72 0.30 -0.79
N GLY A 85 20.27 1.28 -1.57
CA GLY A 85 20.00 1.05 -2.98
C GLY A 85 18.69 0.32 -3.32
N ASP A 86 17.77 0.17 -2.35
CA ASP A 86 16.41 -0.27 -2.63
C ASP A 86 15.50 0.94 -2.79
N GLU A 87 15.27 1.34 -4.04
CA GLU A 87 14.71 2.65 -4.29
C GLU A 87 13.25 2.74 -3.83
N ALA A 88 12.47 1.67 -4.03
CA ALA A 88 11.07 1.73 -3.65
C ALA A 88 10.92 1.86 -2.14
N ALA A 89 11.78 1.17 -1.38
CA ALA A 89 11.70 1.27 0.06
C ALA A 89 12.10 2.66 0.55
N LEU A 90 13.16 3.22 -0.01
CA LEU A 90 13.61 4.55 0.35
C LEU A 90 12.51 5.58 0.03
N LYS A 91 11.92 5.48 -1.15
CA LYS A 91 10.85 6.38 -1.54
C LYS A 91 9.65 6.26 -0.62
N ALA A 92 9.33 5.04 -0.18
CA ALA A 92 8.21 4.82 0.71
C ALA A 92 8.44 5.45 2.09
N VAL A 93 9.65 5.23 2.67
CA VAL A 93 9.86 5.84 3.97
C VAL A 93 9.77 7.37 3.86
N GLU A 94 10.32 7.93 2.78
CA GLU A 94 10.28 9.36 2.57
C GLU A 94 8.85 9.89 2.39
N ARG A 95 8.01 9.10 1.69
CA ARG A 95 6.61 9.46 1.47
C ARG A 95 5.86 9.46 2.78
N ASN A 96 6.12 8.44 3.61
CA ASN A 96 5.48 8.39 4.90
C ASN A 96 5.93 9.54 5.82
N ILE A 97 7.23 9.90 5.80
CA ILE A 97 7.71 11.01 6.58
C ILE A 97 6.95 12.29 6.22
N LYS A 98 6.77 12.55 4.90
CA LYS A 98 6.11 13.79 4.48
C LYS A 98 4.66 13.84 4.97
N VAL A 99 3.98 12.69 4.93
CA VAL A 99 2.61 12.61 5.44
C VAL A 99 2.57 12.86 6.93
N VAL A 100 3.47 12.23 7.71
CA VAL A 100 3.42 12.41 9.15
C VAL A 100 3.74 13.84 9.55
N GLU A 101 4.65 14.45 8.80
CA GLU A 101 5.07 15.80 9.14
C GLU A 101 3.92 16.80 9.11
N LYS A 102 2.80 16.43 8.50
CA LYS A 102 1.62 17.27 8.63
C LYS A 102 1.00 17.28 10.03
N VAL A 103 1.22 16.19 10.80
CA VAL A 103 0.55 15.97 12.08
C VAL A 103 1.47 15.72 13.28
N ALA A 104 2.77 15.96 13.09
CA ALA A 104 3.77 15.71 14.11
C ALA A 104 5.07 16.39 13.68
N MET B 1 -9.71 17.85 5.22
CA MET B 1 -8.40 17.17 5.02
C MET B 1 -8.66 15.68 5.04
N LYS B 2 -8.13 14.99 4.02
CA LYS B 2 -8.35 13.55 3.86
C LYS B 2 -7.03 12.81 4.08
N PHE B 3 -7.09 11.80 4.94
CA PHE B 3 -5.90 10.97 5.13
C PHE B 3 -5.69 10.14 3.86
N PRO B 4 -4.47 10.04 3.31
CA PRO B 4 -4.30 9.32 2.05
C PRO B 4 -4.54 7.83 2.15
N GLN B 5 -4.75 7.22 1.00
CA GLN B 5 -4.82 5.78 0.87
C GLN B 5 -3.49 5.14 1.29
N LEU B 6 -3.58 3.87 1.71
CA LEU B 6 -2.38 3.02 1.88
C LEU B 6 -2.39 2.10 0.65
N CYS B 7 -1.27 1.98 -0.03
CA CYS B 7 -1.16 1.17 -1.22
C CYS B 7 0.12 0.34 -1.19
N LYS B 8 0.09 -0.79 -1.87
CA LYS B 8 1.35 -1.42 -2.22
C LYS B 8 2.10 -0.50 -3.18
N PHE B 9 3.41 -0.35 -3.01
CA PHE B 9 4.20 0.63 -3.75
C PHE B 9 5.63 0.10 -3.95
N CYS B 10 5.70 -0.99 -4.70
CA CYS B 10 6.98 -1.60 -5.01
C CYS B 10 7.51 -1.19 -6.37
N ASP B 11 6.76 -0.38 -7.12
CA ASP B 11 7.13 -0.07 -8.50
C ASP B 11 7.08 -1.37 -9.31
N VAL B 12 7.96 -1.54 -10.31
CA VAL B 12 7.86 -2.68 -11.22
C VAL B 12 8.70 -3.84 -10.66
N ARG B 13 8.07 -5.00 -10.53
CA ARG B 13 8.73 -6.18 -10.00
CA ARG B 13 8.75 -6.18 -10.01
C ARG B 13 8.46 -7.38 -10.91
N PHE B 14 9.37 -8.33 -10.95
CA PHE B 14 9.00 -9.56 -11.62
CA PHE B 14 9.13 -9.67 -11.46
C PHE B 14 7.92 -10.29 -10.78
N SER B 15 7.08 -11.00 -11.51
CA SER B 15 5.90 -11.65 -10.97
C SER B 15 5.74 -13.07 -11.48
N THR B 16 5.12 -13.90 -10.64
CA THR B 16 4.71 -15.24 -10.99
C THR B 16 3.24 -15.38 -11.33
N CYS B 17 2.51 -14.25 -11.29
CA CYS B 17 1.07 -14.26 -11.53
C CYS B 17 0.77 -14.61 -12.99
N ASP B 18 0.10 -15.74 -13.22
CA ASP B 18 -0.26 -16.17 -14.56
C ASP B 18 -1.31 -17.27 -14.50
N ASN B 19 -2.30 -17.15 -15.39
CA ASN B 19 -3.35 -18.14 -15.56
C ASN B 19 -4.10 -18.40 -14.25
N GLN B 20 -4.32 -17.31 -13.51
CA GLN B 20 -4.95 -17.36 -12.20
C GLN B 20 -6.13 -16.41 -12.14
N LYS B 21 -7.17 -16.77 -11.39
CA LYS B 21 -8.31 -15.89 -11.20
C LYS B 21 -7.97 -14.64 -10.39
N SER B 22 -7.05 -14.81 -9.43
CA SER B 22 -6.58 -13.67 -8.67
C SER B 22 -5.16 -13.96 -8.25
N CYS B 23 -4.43 -12.89 -7.93
CA CYS B 23 -3.04 -13.00 -7.51
C CYS B 23 -2.80 -12.06 -6.35
N MET B 24 -1.86 -12.48 -5.48
CA MET B 24 -1.38 -11.52 -4.45
CA MET B 24 -1.32 -11.56 -4.49
C MET B 24 -0.16 -10.78 -5.09
N SER B 25 0.03 -9.53 -4.69
CA SER B 25 1.07 -8.76 -5.33
C SER B 25 2.46 -9.27 -4.96
N ASN B 26 2.62 -9.87 -3.76
CA ASN B 26 3.93 -10.24 -3.24
C ASN B 26 4.84 -9.02 -3.11
N CYS B 27 4.24 -7.86 -2.90
CA CYS B 27 4.94 -6.60 -2.63
C CYS B 27 4.98 -6.39 -1.12
N SER B 28 6.19 -6.23 -0.57
CA SER B 28 6.40 -6.12 0.85
CA SER B 28 6.39 -6.12 0.85
C SER B 28 6.38 -4.69 1.38
N ILE B 29 6.04 -3.73 0.50
CA ILE B 29 6.04 -2.33 0.89
C ILE B 29 4.64 -1.74 0.75
N THR B 30 3.99 -1.46 1.88
CA THR B 30 2.76 -0.69 1.93
C THR B 30 3.14 0.69 2.38
N SER B 31 2.89 1.65 1.50
CA SER B 31 3.15 3.06 1.73
C SER B 31 1.85 3.83 1.92
N ILE B 32 1.94 4.92 2.67
CA ILE B 32 0.90 5.94 2.57
C ILE B 32 1.14 6.65 1.25
N CYS B 33 0.05 6.98 0.52
CA CYS B 33 0.19 7.80 -0.67
C CYS B 33 0.54 9.23 -0.28
N GLU B 34 1.27 9.95 -1.15
CA GLU B 34 1.65 11.33 -0.85
C GLU B 34 0.44 12.26 -0.77
N LYS B 35 -0.50 12.07 -1.69
CA LYS B 35 -1.55 13.05 -1.91
C LYS B 35 -2.87 12.35 -1.64
N PRO B 36 -3.83 13.08 -1.04
CA PRO B 36 -5.12 12.50 -0.66
C PRO B 36 -6.00 12.00 -1.82
N GLN B 37 -5.80 12.58 -3.01
CA GLN B 37 -6.58 12.18 -4.15
C GLN B 37 -6.09 10.93 -4.86
N GLU B 38 -4.88 10.46 -4.48
CA GLU B 38 -4.32 9.31 -5.17
C GLU B 38 -5.06 8.03 -4.81
N VAL B 39 -5.02 7.10 -5.76
CA VAL B 39 -5.60 5.77 -5.63
C VAL B 39 -4.46 4.75 -5.82
N CYS B 40 -4.78 3.50 -5.48
CA CYS B 40 -3.83 2.43 -5.74
C CYS B 40 -3.97 1.92 -7.15
N VAL B 41 -2.87 1.49 -7.73
CA VAL B 41 -2.81 1.00 -9.10
C VAL B 41 -1.97 -0.28 -9.15
N ALA B 42 -2.41 -1.26 -9.92
CA ALA B 42 -1.59 -2.37 -10.32
C ALA B 42 -1.57 -2.53 -11.83
N VAL B 43 -0.41 -2.84 -12.39
CA VAL B 43 -0.22 -3.05 -13.80
C VAL B 43 0.46 -4.40 -14.01
N TRP B 44 -0.20 -5.33 -14.68
CA TRP B 44 0.33 -6.66 -14.98
C TRP B 44 0.69 -6.71 -16.44
N ARG B 45 1.90 -7.10 -16.79
CA ARG B 45 2.37 -7.17 -18.15
C ARG B 45 3.06 -8.49 -18.42
N LYS B 46 2.81 -9.10 -19.57
CA LYS B 46 3.47 -10.31 -19.99
C LYS B 46 4.00 -10.09 -21.39
N ASN B 47 5.30 -10.15 -21.55
CA ASN B 47 5.98 -10.00 -22.80
C ASN B 47 6.77 -11.28 -23.03
N ASP B 48 6.28 -12.10 -23.95
CA ASP B 48 6.77 -13.45 -24.20
C ASP B 48 6.58 -14.22 -22.89
N GLU B 49 7.63 -14.57 -22.16
CA GLU B 49 7.48 -15.28 -20.89
C GLU B 49 7.85 -14.46 -19.67
N ASN B 50 8.12 -13.16 -19.90
CA ASN B 50 8.51 -12.26 -18.81
C ASN B 50 7.28 -11.54 -18.28
N ILE B 51 6.92 -11.82 -17.04
CA ILE B 51 5.77 -11.28 -16.34
C ILE B 51 6.26 -10.27 -15.33
N THR B 52 5.68 -9.09 -15.34
CA THR B 52 5.94 -8.04 -14.37
C THR B 52 4.63 -7.61 -13.73
N LEU B 53 4.72 -7.15 -12.49
CA LEU B 53 3.64 -6.50 -11.77
C LEU B 53 4.16 -5.20 -11.18
N GLU B 54 3.47 -4.10 -11.48
CA GLU B 54 3.80 -2.78 -10.98
C GLU B 54 2.76 -2.35 -9.99
N THR B 55 3.18 -1.89 -8.81
CA THR B 55 2.30 -1.40 -7.78
C THR B 55 2.72 0.02 -7.41
N VAL B 56 1.76 0.97 -7.51
CA VAL B 56 2.01 2.34 -7.17
C VAL B 56 0.74 3.02 -6.61
N CYS B 57 0.94 4.23 -6.07
CA CYS B 57 -0.11 5.24 -5.93
C CYS B 57 -0.15 6.10 -7.19
N HIS B 58 -1.33 6.62 -7.58
CA HIS B 58 -1.44 7.49 -8.75
C HIS B 58 -2.67 8.37 -8.64
N ASP B 59 -2.52 9.61 -9.11
CA ASP B 59 -3.66 10.53 -9.16
C ASP B 59 -4.52 10.21 -10.38
N PRO B 60 -5.77 9.75 -10.16
CA PRO B 60 -6.63 9.37 -11.29
C PRO B 60 -7.05 10.51 -12.23
N LYS B 61 -6.70 11.76 -11.90
CA LYS B 61 -6.89 12.85 -12.86
C LYS B 61 -5.97 12.68 -14.08
N LEU B 62 -4.85 11.97 -13.87
CA LEU B 62 -3.81 11.82 -14.88
C LEU B 62 -3.87 10.45 -15.51
N PRO B 63 -3.48 10.31 -16.77
CA PRO B 63 -3.32 8.98 -17.36
C PRO B 63 -2.19 8.25 -16.65
N TYR B 64 -2.17 6.93 -16.87
CA TYR B 64 -1.06 6.12 -16.40
C TYR B 64 -0.74 5.15 -17.53
N HIS B 65 0.53 5.11 -17.98
CA HIS B 65 0.89 4.37 -19.18
C HIS B 65 0.01 4.79 -20.36
N ASP B 66 -0.39 6.06 -20.36
CA ASP B 66 -1.20 6.65 -21.41
C ASP B 66 -2.61 6.07 -21.51
N PHE B 67 -3.10 5.47 -20.41
CA PHE B 67 -4.46 4.99 -20.25
C PHE B 67 -5.18 5.73 -19.13
N ILE B 68 -6.50 5.91 -19.29
CA ILE B 68 -7.32 6.55 -18.30
C ILE B 68 -7.73 5.51 -17.26
N LEU B 69 -7.61 5.90 -15.98
CA LEU B 69 -8.05 5.00 -14.92
C LEU B 69 -9.55 4.79 -14.96
N GLU B 70 -9.97 3.52 -14.77
CA GLU B 70 -11.36 3.08 -14.78
C GLU B 70 -11.83 2.63 -13.41
N ASP B 71 -12.92 3.24 -13.03
CA ASP B 71 -13.60 2.96 -11.78
CA ASP B 71 -13.58 2.88 -11.79
C ASP B 71 -12.53 2.95 -10.68
N ALA B 72 -11.74 4.03 -10.63
CA ALA B 72 -10.82 4.25 -9.52
C ALA B 72 -11.50 4.29 -8.15
N ALA B 73 -12.80 4.66 -8.13
CA ALA B 73 -13.57 4.69 -6.90
C ALA B 73 -13.90 3.30 -6.34
N SER B 74 -13.75 2.25 -7.13
CA SER B 74 -14.06 0.92 -6.64
C SER B 74 -13.08 0.55 -5.53
N PRO B 75 -13.54 -0.19 -4.50
CA PRO B 75 -12.62 -0.68 -3.48
C PRO B 75 -11.76 -1.84 -3.94
N LYS B 76 -12.12 -2.47 -5.07
CA LYS B 76 -11.43 -3.65 -5.53
C LYS B 76 -10.65 -3.39 -6.80
N CYS B 77 -9.53 -4.09 -6.95
CA CYS B 77 -8.65 -3.92 -8.13
C CYS B 77 -9.05 -4.94 -9.18
N ILE B 78 -9.95 -4.55 -10.03
CA ILE B 78 -10.47 -5.40 -11.09
C ILE B 78 -9.66 -5.18 -12.35
N MET B 79 -8.89 -6.20 -12.72
CA MET B 79 -7.97 -6.06 -13.86
C MET B 79 -8.73 -6.04 -15.20
N LYS B 80 -8.33 -5.11 -16.05
CA LYS B 80 -8.91 -5.04 -17.37
C LYS B 80 -7.78 -4.89 -18.38
N GLU B 81 -8.00 -5.52 -19.53
CA GLU B 81 -6.98 -5.56 -20.55
C GLU B 81 -6.97 -4.23 -21.31
N LYS B 82 -5.77 -3.81 -21.69
CA LYS B 82 -5.58 -2.64 -22.54
C LYS B 82 -4.83 -3.09 -23.78
N LYS B 83 -4.98 -2.34 -24.86
CA LYS B 83 -4.34 -2.71 -26.11
C LYS B 83 -2.94 -2.11 -26.09
N LYS B 84 -1.94 -3.02 -26.14
CA LYS B 84 -0.54 -2.67 -26.13
C LYS B 84 0.21 -3.61 -27.05
N PRO B 85 0.80 -3.11 -28.16
CA PRO B 85 1.46 -4.00 -29.10
C PRO B 85 2.60 -4.79 -28.47
N GLY B 86 2.70 -6.04 -28.86
CA GLY B 86 3.85 -6.86 -28.46
C GLY B 86 3.80 -7.50 -27.09
N GLU B 87 2.70 -7.29 -26.37
CA GLU B 87 2.59 -7.82 -25.01
C GLU B 87 1.13 -7.94 -24.61
N THR B 88 0.87 -8.55 -23.46
CA THR B 88 -0.42 -8.57 -22.82
C THR B 88 -0.32 -7.61 -21.64
N PHE B 89 -1.28 -6.68 -21.53
CA PHE B 89 -1.24 -5.62 -20.52
C PHE B 89 -2.59 -5.54 -19.83
N PHE B 90 -2.61 -5.60 -18.51
CA PHE B 90 -3.85 -5.43 -17.74
C PHE B 90 -3.56 -4.40 -16.66
N MET B 91 -4.56 -3.62 -16.29
CA MET B 91 -4.42 -2.60 -15.27
CA MET B 91 -4.39 -2.70 -15.20
C MET B 91 -5.67 -2.54 -14.41
N CYS B 92 -5.44 -2.15 -13.15
CA CYS B 92 -6.59 -1.81 -12.29
C CYS B 92 -6.23 -0.65 -11.37
N SER B 93 -7.26 0.04 -10.92
CA SER B 93 -7.14 1.07 -9.92
C SER B 93 -8.25 0.88 -8.90
N CYS B 94 -7.95 1.34 -7.67
CA CYS B 94 -8.88 1.06 -6.59
C CYS B 94 -8.63 2.01 -5.41
N SER B 95 -9.69 2.15 -4.62
CA SER B 95 -9.66 3.12 -3.49
CA SER B 95 -9.60 3.10 -3.48
C SER B 95 -9.95 2.55 -2.09
N SER B 96 -9.33 1.40 -1.81
CA SER B 96 -9.35 0.90 -0.45
C SER B 96 -7.92 0.48 -0.09
N ASP B 97 -7.63 0.49 1.21
CA ASP B 97 -6.26 0.26 1.61
C ASP B 97 -5.71 -1.11 1.20
N GLU B 98 -4.52 -1.06 0.59
CA GLU B 98 -3.83 -2.24 0.10
C GLU B 98 -4.64 -2.98 -0.94
N CYS B 99 -5.55 -2.25 -1.64
CA CYS B 99 -6.40 -2.96 -2.58
C CYS B 99 -5.63 -3.49 -3.82
N ASN B 100 -4.48 -2.85 -4.12
CA ASN B 100 -3.64 -3.35 -5.21
C ASN B 100 -2.73 -4.50 -4.78
N ASP B 101 -2.99 -5.08 -3.58
CA ASP B 101 -2.37 -6.32 -3.17
C ASP B 101 -3.13 -7.55 -3.63
N ASN B 102 -4.43 -7.35 -3.99
CA ASN B 102 -5.30 -8.45 -4.31
C ASN B 102 -5.83 -8.17 -5.71
N ILE B 103 -5.09 -8.68 -6.67
CA ILE B 103 -5.43 -8.38 -8.10
CA ILE B 103 -5.38 -8.42 -8.10
C ILE B 103 -6.38 -9.47 -8.67
N ILE B 104 -7.52 -8.92 -9.13
CA ILE B 104 -8.64 -9.78 -9.54
C ILE B 104 -8.77 -9.79 -11.06
N PHE B 105 -8.60 -10.97 -11.65
CA PHE B 105 -8.89 -11.20 -13.06
C PHE B 105 -10.30 -11.76 -13.26
N SER B 106 -10.75 -12.64 -12.39
CA SER B 106 -12.12 -13.11 -12.38
C SER B 106 -12.51 -13.47 -10.95
N GLU B 107 -13.82 -13.44 -10.67
CA GLU B 107 -14.36 -13.85 -9.39
C GLU B 107 -14.70 -15.33 -9.34
N GLU B 108 -14.84 -15.83 -8.11
CA GLU B 108 -15.46 -17.12 -7.84
C GLU B 108 -16.96 -16.94 -7.65
N TYR B 109 -17.73 -17.93 -8.13
CA TYR B 109 -19.19 -17.85 -8.09
C TYR B 109 -19.71 -19.12 -7.40
N ASN B 110 -20.71 -18.94 -6.53
CA ASN B 110 -21.46 -20.07 -5.98
C ASN B 110 -22.54 -20.48 -6.97
N THR B 111 -22.64 -21.74 -7.34
CA THR B 111 -23.62 -22.23 -8.27
C THR B 111 -24.35 -23.46 -7.75
#